data_6K2C
#
_entry.id   6K2C
#
_cell.length_a   75.610
_cell.length_b   75.610
_cell.length_c   220.190
_cell.angle_alpha   90.00
_cell.angle_beta   90.00
_cell.angle_gamma   90.00
#
_symmetry.space_group_name_H-M   'P 43 21 2'
#
loop_
_entity.id
_entity.type
_entity.pdbx_description
1 polymer 'Ubiquitin-protein ligase E3C'
2 water water
#
_entity_poly.entity_id   1
_entity_poly.type   'polypeptide(L)'
_entity_poly.pdbx_seq_one_letter_code
;AAVPFEERVKIFQRLIYADKQEVQGDGPFLDGINVTIRRNYIYEDAYDKLSPENEPDLKKRIRVHLLNAHGLDEAGIDGG
GIFREFLNELLKSGFNPNQGFFKTTNEGLLYPNPAAQMLVGDSFARHYYFLGRMLGKALYENMLVELPFAGFFLSKLLGT
SADVDIHHLASLDPEVYKNLLFLKSYEDDVEELGLNFTVVNNDLGEAQVVELKFGGKDIPVTSANRIAYIHLVADYRLNR
QIRQHCLAFRQGLANVVSLEWLRMFDQQEIQVLISGAQVPISLEDLKSFTNYSGGYSADHPVIKVFWRVVEGFTDEEKRK
LLKFVTSCSRPPLLGFKELYPAFCIHNGGSDLERLPTASTCMNLLKLPEFYDETLLRSKLLYAIECAAGFELS
;
_entity_poly.pdbx_strand_id   A
#
# COMPACT_ATOMS: atom_id res chain seq x y z
N ALA A 1 4.30 1.20 -25.57
CA ALA A 1 4.78 1.61 -26.88
C ALA A 1 6.29 1.49 -26.94
N ALA A 2 6.93 2.44 -27.63
CA ALA A 2 8.38 2.40 -27.85
C ALA A 2 9.17 2.01 -26.59
N VAL A 3 9.02 2.79 -25.51
CA VAL A 3 9.76 2.60 -24.27
C VAL A 3 9.03 1.63 -23.34
N PRO A 4 9.74 0.73 -22.66
CA PRO A 4 9.08 -0.29 -21.84
C PRO A 4 8.77 0.17 -20.42
N PHE A 5 7.85 -0.58 -19.79
CA PHE A 5 7.24 -0.17 -18.53
C PHE A 5 8.28 0.20 -17.47
N GLU A 6 9.29 -0.67 -17.30
CA GLU A 6 10.26 -0.53 -16.23
C GLU A 6 11.00 0.79 -16.31
N GLU A 7 11.52 1.12 -17.49
CA GLU A 7 12.26 2.38 -17.61
C GLU A 7 11.36 3.57 -17.32
N ARG A 8 10.06 3.45 -17.62
CA ARG A 8 9.17 4.56 -17.29
C ARG A 8 8.94 4.68 -15.79
N VAL A 9 8.92 3.55 -15.06
CA VAL A 9 8.70 3.66 -13.63
C VAL A 9 9.92 4.29 -12.95
N LYS A 10 11.10 4.07 -13.50
CA LYS A 10 12.29 4.73 -12.94
C LYS A 10 12.21 6.23 -13.14
N ILE A 11 11.66 6.66 -14.27
CA ILE A 11 11.44 8.09 -14.48
C ILE A 11 10.44 8.61 -13.45
N PHE A 12 9.28 7.96 -13.37
CA PHE A 12 8.26 8.28 -12.39
C PHE A 12 8.85 8.49 -11.01
N GLN A 13 9.67 7.53 -10.55
CA GLN A 13 10.21 7.63 -9.20
C GLN A 13 11.27 8.72 -9.10
N ARG A 14 12.01 8.97 -10.19
CA ARG A 14 12.99 10.04 -10.16
C ARG A 14 12.32 11.40 -10.08
N LEU A 15 11.18 11.57 -10.77
CA LEU A 15 10.43 12.82 -10.68
C LEU A 15 9.92 13.07 -9.27
N ILE A 16 9.34 12.03 -8.65
CA ILE A 16 8.85 12.17 -7.29
C ILE A 16 9.99 12.49 -6.33
N TYR A 17 11.19 11.97 -6.61
CA TYR A 17 12.33 12.26 -5.73
C TYR A 17 12.71 13.73 -5.74
N ALA A 18 12.92 14.30 -6.93
CA ALA A 18 13.26 15.71 -7.04
C ALA A 18 12.16 16.57 -6.44
N ASP A 19 10.91 16.27 -6.79
CA ASP A 19 9.76 16.92 -6.17
C ASP A 19 9.81 16.83 -4.66
N LYS A 20 10.00 15.63 -4.11
CA LYS A 20 9.96 15.46 -2.66
C LYS A 20 11.02 16.28 -1.95
N GLN A 21 12.13 16.58 -2.62
CA GLN A 21 13.19 17.34 -1.98
C GLN A 21 13.02 18.84 -2.17
N GLU A 22 12.32 19.27 -3.22
CA GLU A 22 11.92 20.66 -3.33
C GLU A 22 11.20 21.11 -2.06
N VAL A 23 10.08 20.46 -1.74
CA VAL A 23 9.37 20.72 -0.49
C VAL A 23 10.07 19.95 0.63
N GLN A 24 10.76 20.69 1.51
CA GLN A 24 11.73 20.14 2.48
C GLN A 24 11.28 18.83 3.14
N ASP A 31 8.98 21.55 8.92
CA ASP A 31 7.75 22.15 8.40
C ASP A 31 6.82 21.09 7.83
N GLY A 32 6.50 20.06 8.63
CA GLY A 32 5.61 18.99 8.23
C GLY A 32 4.17 19.22 8.62
N ILE A 33 3.40 18.14 8.59
CA ILE A 33 1.99 18.11 9.00
C ILE A 33 1.87 17.16 10.18
N ASN A 34 1.26 17.64 11.27
CA ASN A 34 1.07 16.87 12.49
C ASN A 34 -0.42 16.76 12.77
N VAL A 35 -0.93 15.54 12.81
CA VAL A 35 -2.36 15.31 12.99
C VAL A 35 -2.57 14.18 14.00
N THR A 36 -3.77 14.16 14.57
CA THR A 36 -4.16 13.23 15.62
C THR A 36 -5.37 12.46 15.12
N ILE A 37 -5.26 11.14 15.03
CA ILE A 37 -6.31 10.33 14.43
C ILE A 37 -6.75 9.25 15.41
N ARG A 38 -8.06 9.13 15.60
CA ARG A 38 -8.61 8.02 16.35
C ARG A 38 -8.81 6.84 15.40
N ARG A 39 -8.18 5.71 15.72
CA ARG A 39 -8.25 4.51 14.88
C ARG A 39 -9.69 4.01 14.75
N ASN A 40 -10.47 4.12 15.83
CA ASN A 40 -11.86 3.75 15.73
C ASN A 40 -12.70 4.71 14.92
N TYR A 41 -12.16 5.88 14.60
CA TYR A 41 -12.85 6.93 13.86
C TYR A 41 -11.97 7.44 12.73
N ILE A 42 -11.34 6.51 11.99
CA ILE A 42 -10.21 6.87 11.14
C ILE A 42 -10.64 7.71 9.94
N TYR A 43 -11.71 7.32 9.24
CA TYR A 43 -12.10 8.07 8.04
C TYR A 43 -12.70 9.42 8.41
N GLU A 44 -13.55 9.45 9.43
CA GLU A 44 -14.15 10.73 9.83
C GLU A 44 -13.09 11.71 10.30
N ASP A 45 -12.10 11.22 11.05
CA ASP A 45 -11.05 12.12 11.53
C ASP A 45 -10.15 12.60 10.39
N ALA A 46 -9.75 11.69 9.49
CA ALA A 46 -8.86 12.07 8.41
C ALA A 46 -9.54 13.06 7.47
N TYR A 47 -10.81 12.79 7.12
CA TYR A 47 -11.57 13.69 6.29
C TYR A 47 -11.59 15.11 6.86
N ASP A 48 -11.62 15.22 8.20
CA ASP A 48 -11.55 16.52 8.85
C ASP A 48 -10.12 17.00 8.97
N LYS A 49 -9.25 16.19 9.60
CA LYS A 49 -7.90 16.64 9.88
C LYS A 49 -7.10 16.97 8.64
N LEU A 50 -7.27 16.20 7.56
CA LEU A 50 -6.54 16.40 6.32
C LEU A 50 -7.44 16.91 5.18
N SER A 51 -8.40 17.76 5.55
CA SER A 51 -9.20 18.49 4.58
C SER A 51 -8.32 19.41 3.76
N PRO A 52 -8.79 19.82 2.57
CA PRO A 52 -8.05 20.84 1.82
C PRO A 52 -7.93 22.18 2.56
N GLU A 53 -8.89 22.50 3.43
CA GLU A 53 -8.84 23.77 4.17
C GLU A 53 -7.86 23.73 5.34
N ASN A 54 -7.60 22.56 5.92
CA ASN A 54 -6.64 22.40 7.01
C ASN A 54 -5.24 22.12 6.49
N GLU A 55 -5.14 21.35 5.41
CA GLU A 55 -3.85 20.98 4.82
C GLU A 55 -4.01 21.04 3.31
N PRO A 56 -3.71 22.20 2.72
CA PRO A 56 -3.86 22.35 1.27
C PRO A 56 -2.73 21.70 0.47
N ASP A 57 -1.53 21.59 1.06
CA ASP A 57 -0.41 20.97 0.38
C ASP A 57 -0.12 19.61 0.96
N LEU A 58 -0.54 18.54 0.30
CA LEU A 58 -0.36 17.22 0.88
C LEU A 58 0.93 16.54 0.42
N LYS A 59 1.75 17.20 -0.40
CA LYS A 59 3.08 16.66 -0.65
C LYS A 59 3.98 16.75 0.58
N LYS A 60 3.60 17.54 1.59
CA LYS A 60 4.39 17.71 2.80
C LYS A 60 4.37 16.43 3.65
N ARG A 61 5.35 16.30 4.54
CA ARG A 61 5.51 15.07 5.31
C ARG A 61 4.51 15.04 6.46
N ILE A 62 3.65 14.02 6.46
CA ILE A 62 2.63 13.86 7.49
C ILE A 62 3.16 12.97 8.59
N ARG A 63 2.91 13.35 9.85
CA ARG A 63 3.22 12.49 10.97
C ARG A 63 2.03 12.45 11.91
N VAL A 64 1.63 11.23 12.28
CA VAL A 64 0.31 10.91 12.82
C VAL A 64 0.45 10.39 14.24
N HIS A 65 -0.41 10.87 15.12
CA HIS A 65 -0.57 10.28 16.45
C HIS A 65 -1.85 9.46 16.41
N LEU A 66 -1.72 8.15 16.24
CA LEU A 66 -2.84 7.22 16.16
C LEU A 66 -3.18 6.75 17.57
N LEU A 67 -4.42 6.96 17.99
CA LEU A 67 -4.80 6.84 19.39
C LEU A 67 -5.23 5.44 19.81
N ASN A 68 -5.63 4.58 18.87
CA ASN A 68 -6.19 3.27 19.18
C ASN A 68 -7.34 3.40 20.20
N ALA A 69 -7.97 4.57 20.25
CA ALA A 69 -8.86 4.94 21.34
C ALA A 69 -9.65 6.20 21.00
N ILE A 77 6.54 0.20 15.18
CA ILE A 77 6.28 1.62 15.10
C ILE A 77 7.53 2.49 15.03
N ASP A 78 7.58 3.36 14.02
CA ASP A 78 8.73 4.24 13.75
C ASP A 78 8.30 5.68 13.48
N GLY A 79 7.02 5.92 13.22
CA GLY A 79 6.55 7.26 12.86
C GLY A 79 6.32 7.37 11.37
N GLY A 80 7.37 7.05 10.60
CA GLY A 80 7.14 6.71 9.21
C GLY A 80 6.34 5.44 9.07
N GLY A 81 6.32 4.60 10.09
CA GLY A 81 5.55 3.38 10.06
C GLY A 81 4.17 3.62 10.60
N ILE A 82 4.08 4.38 11.68
CA ILE A 82 2.78 4.82 12.16
C ILE A 82 1.98 5.49 11.04
N PHE A 83 2.67 6.25 10.18
CA PHE A 83 1.98 6.91 9.07
C PHE A 83 1.47 5.90 8.05
N ARG A 84 2.33 4.97 7.63
CA ARG A 84 1.90 3.97 6.64
C ARG A 84 0.76 3.13 7.19
N GLU A 85 0.78 2.85 8.49
CA GLU A 85 -0.32 2.09 9.07
C GLU A 85 -1.61 2.89 9.01
N PHE A 86 -1.54 4.20 9.31
CA PHE A 86 -2.69 5.09 9.19
C PHE A 86 -3.19 5.15 7.75
N LEU A 87 -2.28 5.35 6.80
CA LEU A 87 -2.71 5.52 5.42
C LEU A 87 -3.35 4.25 4.88
N ASN A 88 -2.78 3.09 5.21
CA ASN A 88 -3.32 1.82 4.72
C ASN A 88 -4.73 1.56 5.27
N GLU A 89 -4.91 1.69 6.58
CA GLU A 89 -6.26 1.47 7.11
C GLU A 89 -7.24 2.56 6.65
N LEU A 90 -6.76 3.79 6.44
CA LEU A 90 -7.63 4.83 5.89
C LEU A 90 -8.06 4.49 4.47
N LEU A 91 -7.12 4.07 3.61
CA LEU A 91 -7.50 3.71 2.25
C LEU A 91 -8.43 2.51 2.25
N LYS A 92 -8.17 1.51 3.11
CA LYS A 92 -9.07 0.38 3.20
C LYS A 92 -10.48 0.83 3.62
N SER A 93 -10.57 1.74 4.59
CA SER A 93 -11.87 2.22 5.04
C SER A 93 -12.54 3.11 4.00
N GLY A 94 -11.81 4.10 3.47
CA GLY A 94 -12.40 5.02 2.51
C GLY A 94 -12.91 4.36 1.25
N PHE A 95 -12.25 3.30 0.80
CA PHE A 95 -12.62 2.67 -0.46
C PHE A 95 -13.50 1.45 -0.28
N ASN A 96 -13.86 1.11 0.94
CA ASN A 96 -14.76 0.01 1.14
C ASN A 96 -16.13 0.38 0.61
N PRO A 97 -16.78 -0.50 -0.16
CA PRO A 97 -18.11 -0.19 -0.69
C PRO A 97 -19.09 0.32 0.36
N ASN A 98 -18.88 -0.05 1.63
CA ASN A 98 -19.79 0.39 2.68
C ASN A 98 -19.72 1.88 2.97
N GLN A 99 -18.62 2.56 2.61
CA GLN A 99 -18.60 4.01 2.83
C GLN A 99 -19.46 4.74 1.82
N GLY A 100 -19.79 4.10 0.70
CA GLY A 100 -20.75 4.65 -0.25
C GLY A 100 -20.15 5.34 -1.44
N PHE A 101 -18.82 5.45 -1.51
CA PHE A 101 -18.19 6.13 -2.63
C PHE A 101 -17.72 5.19 -3.73
N PHE A 102 -17.51 3.91 -3.43
CA PHE A 102 -17.05 3.00 -4.47
C PHE A 102 -17.86 1.71 -4.42
N LYS A 103 -18.07 1.12 -5.59
CA LYS A 103 -18.64 -0.20 -5.66
C LYS A 103 -17.80 -1.06 -6.60
N THR A 104 -18.21 -2.32 -6.74
CA THR A 104 -17.41 -3.35 -7.41
C THR A 104 -18.21 -3.96 -8.55
N THR A 105 -17.52 -4.26 -9.64
CA THR A 105 -18.13 -4.90 -10.80
C THR A 105 -18.35 -6.38 -10.53
N ASN A 106 -18.64 -7.16 -11.57
CA ASN A 106 -18.73 -8.61 -11.48
C ASN A 106 -17.55 -9.20 -10.74
N GLU A 107 -16.35 -9.15 -11.33
CA GLU A 107 -15.14 -9.20 -10.53
C GLU A 107 -15.06 -8.00 -9.61
N GLY A 108 -14.30 -8.14 -8.53
CA GLY A 108 -14.36 -7.10 -7.50
C GLY A 108 -13.59 -5.84 -7.83
N LEU A 109 -13.91 -5.19 -8.94
CA LEU A 109 -13.15 -4.04 -9.40
C LEU A 109 -13.84 -2.75 -8.96
N LEU A 110 -13.09 -1.86 -8.33
CA LEU A 110 -13.64 -0.67 -7.68
C LEU A 110 -13.89 0.45 -8.69
N TYR A 111 -14.98 1.19 -8.48
CA TYR A 111 -15.28 2.35 -9.30
C TYR A 111 -16.32 3.21 -8.60
N PRO A 112 -16.45 4.48 -8.98
CA PRO A 112 -17.26 5.42 -8.20
C PRO A 112 -18.73 5.03 -8.19
N ASN A 113 -19.34 5.18 -7.02
CA ASN A 113 -20.72 4.81 -6.83
C ASN A 113 -21.64 5.87 -7.42
N PRO A 114 -22.49 5.53 -8.41
CA PRO A 114 -23.40 6.54 -8.98
C PRO A 114 -24.46 7.02 -8.00
N ALA A 115 -24.73 6.29 -6.93
CA ALA A 115 -25.73 6.69 -5.97
C ALA A 115 -25.16 7.53 -4.84
N ALA A 116 -23.87 7.89 -4.95
CA ALA A 116 -23.19 8.56 -3.86
C ALA A 116 -23.93 9.82 -3.41
N GLN A 117 -24.40 10.64 -4.35
CA GLN A 117 -25.10 11.85 -3.94
C GLN A 117 -26.44 11.52 -3.31
N MET A 118 -27.21 10.63 -3.95
CA MET A 118 -28.45 10.12 -3.37
C MET A 118 -28.24 9.66 -1.93
N LEU A 119 -27.12 8.96 -1.67
CA LEU A 119 -26.87 8.36 -0.37
C LEU A 119 -26.00 9.18 0.57
N VAL A 120 -25.24 10.13 0.03
CA VAL A 120 -24.34 10.90 0.86
C VAL A 120 -24.79 12.34 0.99
N GLY A 121 -25.55 12.80 0.00
CA GLY A 121 -25.89 14.20 -0.09
C GLY A 121 -24.95 14.98 -1.00
N ASP A 122 -24.96 16.29 -0.83
CA ASP A 122 -24.29 17.18 -1.77
C ASP A 122 -22.79 17.33 -1.49
N SER A 123 -22.35 17.07 -0.28
CA SER A 123 -20.91 17.12 -0.14
C SER A 123 -20.22 15.92 -0.78
N PHE A 124 -20.92 15.08 -1.55
CA PHE A 124 -20.32 13.86 -2.06
C PHE A 124 -19.01 14.12 -2.79
N ALA A 125 -18.94 15.18 -3.60
CA ALA A 125 -17.70 15.46 -4.33
C ALA A 125 -16.54 15.79 -3.39
N ARG A 126 -16.81 16.39 -2.23
CA ARG A 126 -15.73 16.63 -1.26
C ARG A 126 -15.05 15.33 -0.84
N HIS A 127 -15.80 14.22 -0.81
CA HIS A 127 -15.18 12.94 -0.42
C HIS A 127 -14.35 12.33 -1.54
N TYR A 128 -14.76 12.54 -2.80
CA TYR A 128 -13.95 12.02 -3.90
C TYR A 128 -12.63 12.78 -4.01
N TYR A 129 -12.65 14.08 -3.74
CA TYR A 129 -11.40 14.83 -3.68
C TYR A 129 -10.51 14.33 -2.55
N PHE A 130 -11.09 13.88 -1.45
CA PHE A 130 -10.31 13.40 -0.33
C PHE A 130 -9.67 12.06 -0.65
N LEU A 131 -10.44 11.13 -1.21
CA LEU A 131 -9.88 9.81 -1.52
C LEU A 131 -8.80 9.91 -2.59
N GLY A 132 -8.99 10.79 -3.58
CA GLY A 132 -7.95 11.01 -4.58
C GLY A 132 -6.66 11.53 -3.96
N ARG A 133 -6.78 12.42 -2.98
CA ARG A 133 -5.60 12.89 -2.27
C ARG A 133 -4.90 11.75 -1.54
N MET A 134 -5.69 10.89 -0.87
CA MET A 134 -5.08 9.81 -0.10
C MET A 134 -4.46 8.77 -1.01
N LEU A 135 -5.10 8.48 -2.15
CA LEU A 135 -4.47 7.60 -3.13
C LEU A 135 -3.20 8.21 -3.70
N GLY A 136 -3.21 9.52 -3.92
CA GLY A 136 -2.03 10.18 -4.41
C GLY A 136 -0.90 10.15 -3.40
N LYS A 137 -1.23 10.33 -2.12
CA LYS A 137 -0.19 10.20 -1.09
C LYS A 137 0.39 8.79 -1.04
N ALA A 138 -0.44 7.77 -1.27
CA ALA A 138 0.06 6.41 -1.34
C ALA A 138 1.10 6.28 -2.45
N LEU A 139 0.75 6.73 -3.65
CA LEU A 139 1.72 6.70 -4.75
C LEU A 139 2.93 7.56 -4.44
N TYR A 140 2.70 8.75 -3.87
CA TYR A 140 3.79 9.69 -3.62
C TYR A 140 4.77 9.14 -2.59
N GLU A 141 4.28 8.46 -1.55
CA GLU A 141 5.15 7.94 -0.52
C GLU A 141 5.61 6.50 -0.79
N ASN A 142 5.35 5.99 -1.99
CA ASN A 142 5.88 4.70 -2.45
C ASN A 142 5.43 3.56 -1.53
N MET A 143 4.13 3.33 -1.52
CA MET A 143 3.49 2.33 -0.68
C MET A 143 2.42 1.64 -1.51
N LEU A 144 2.61 0.35 -1.78
CA LEU A 144 1.60 -0.40 -2.49
C LEU A 144 0.41 -0.66 -1.57
N VAL A 145 -0.78 -0.79 -2.17
CA VAL A 145 -2.02 -1.00 -1.44
C VAL A 145 -2.92 -1.90 -2.28
N GLU A 146 -3.69 -2.77 -1.63
CA GLU A 146 -4.58 -3.70 -2.33
C GLU A 146 -5.88 -2.96 -2.65
N LEU A 147 -5.82 -2.12 -3.67
CA LEU A 147 -7.02 -1.51 -4.25
C LEU A 147 -7.14 -1.94 -5.70
N PRO A 148 -7.95 -2.94 -5.99
CA PRO A 148 -8.25 -3.30 -7.38
C PRO A 148 -9.28 -2.36 -7.97
N PHE A 149 -8.88 -1.58 -8.97
CA PHE A 149 -9.77 -0.62 -9.62
C PHE A 149 -10.21 -1.12 -10.98
N ALA A 150 -11.45 -0.84 -11.34
CA ALA A 150 -11.89 -1.04 -12.71
C ALA A 150 -11.07 -0.18 -13.66
N GLY A 151 -10.69 -0.76 -14.80
CA GLY A 151 -9.83 -0.04 -15.73
C GLY A 151 -10.49 1.20 -16.31
N PHE A 152 -11.81 1.14 -16.55
CA PHE A 152 -12.47 2.30 -17.12
C PHE A 152 -12.40 3.49 -16.15
N PHE A 153 -12.34 3.23 -14.84
CA PHE A 153 -12.14 4.32 -13.90
C PHE A 153 -10.71 4.86 -14.00
N LEU A 154 -9.72 3.98 -14.14
CA LEU A 154 -8.34 4.42 -14.24
C LEU A 154 -8.12 5.28 -15.48
N SER A 155 -8.75 4.89 -16.60
CA SER A 155 -8.52 5.61 -17.85
C SER A 155 -9.21 6.97 -17.84
N LYS A 156 -10.39 7.06 -17.21
CA LYS A 156 -11.03 8.35 -17.02
C LYS A 156 -10.17 9.32 -16.22
N LEU A 157 -9.31 8.80 -15.35
CA LEU A 157 -8.35 9.66 -14.66
C LEU A 157 -7.23 10.13 -15.59
N LEU A 158 -6.87 9.33 -16.59
CA LEU A 158 -5.75 9.67 -17.48
C LEU A 158 -6.11 10.75 -18.50
N GLY A 159 -7.39 10.85 -18.88
CA GLY A 159 -7.83 11.86 -19.82
C GLY A 159 -8.55 11.22 -20.99
N ARG A 237 -23.38 6.06 -24.10
CA ARG A 237 -22.36 6.13 -23.05
C ARG A 237 -23.01 6.32 -21.69
N LEU A 238 -22.65 5.47 -20.73
CA LEU A 238 -23.12 5.64 -19.36
C LEU A 238 -21.97 5.91 -18.38
N ASN A 239 -20.76 6.12 -18.89
CA ASN A 239 -19.60 6.49 -18.07
C ASN A 239 -19.55 7.98 -17.69
N ARG A 240 -20.66 8.71 -17.85
CA ARG A 240 -20.75 10.14 -17.55
C ARG A 240 -21.60 10.44 -16.32
N GLN A 241 -22.27 9.43 -15.75
CA GLN A 241 -23.04 9.63 -14.52
C GLN A 241 -22.13 9.80 -13.32
N ILE A 242 -20.84 9.49 -13.46
CA ILE A 242 -19.89 9.63 -12.36
C ILE A 242 -18.86 10.71 -12.67
N ARG A 243 -19.24 11.70 -13.47
CA ARG A 243 -18.19 12.59 -13.98
C ARG A 243 -17.82 13.66 -12.95
N GLN A 244 -18.79 14.21 -12.20
CA GLN A 244 -18.38 15.01 -11.05
C GLN A 244 -17.52 14.19 -10.11
N HIS A 245 -17.87 12.90 -9.92
CA HIS A 245 -17.07 12.01 -9.08
C HIS A 245 -15.63 11.95 -9.57
N CYS A 246 -15.44 11.73 -10.88
CA CYS A 246 -14.09 11.56 -11.40
C CYS A 246 -13.31 12.87 -11.49
N LEU A 247 -14.00 13.98 -11.76
CA LEU A 247 -13.35 15.29 -11.76
C LEU A 247 -12.77 15.59 -10.38
N ALA A 248 -13.57 15.43 -9.33
CA ALA A 248 -13.09 15.74 -7.99
C ALA A 248 -11.99 14.78 -7.56
N PHE A 249 -12.16 13.50 -7.83
CA PHE A 249 -11.11 12.53 -7.56
C PHE A 249 -9.84 12.91 -8.29
N ARG A 250 -9.95 13.19 -9.59
CA ARG A 250 -8.76 13.51 -10.39
C ARG A 250 -8.04 14.73 -9.83
N GLN A 251 -8.80 15.76 -9.44
CA GLN A 251 -8.19 16.97 -8.89
C GLN A 251 -7.47 16.68 -7.58
N GLY A 252 -8.01 15.77 -6.77
CA GLY A 252 -7.32 15.42 -5.54
C GLY A 252 -6.01 14.71 -5.82
N LEU A 253 -6.04 13.74 -6.73
CA LEU A 253 -4.81 13.10 -7.17
C LEU A 253 -3.78 14.15 -7.57
N ALA A 254 -4.18 15.10 -8.41
CA ALA A 254 -3.25 16.08 -8.92
C ALA A 254 -2.68 16.99 -7.86
N ASN A 255 -3.29 17.04 -6.67
CA ASN A 255 -2.70 17.82 -5.58
C ASN A 255 -1.40 17.21 -5.07
N VAL A 256 -1.16 15.91 -5.30
CA VAL A 256 0.00 15.21 -4.76
C VAL A 256 0.93 14.72 -5.87
N VAL A 257 0.41 13.98 -6.85
CA VAL A 257 1.18 13.54 -7.99
C VAL A 257 0.61 14.19 -9.24
N SER A 258 1.48 14.80 -10.03
CA SER A 258 1.01 15.53 -11.20
C SER A 258 0.45 14.56 -12.24
N LEU A 259 -0.69 14.93 -12.82
CA LEU A 259 -1.33 14.10 -13.83
C LEU A 259 -0.46 13.94 -15.06
N GLU A 260 0.51 14.83 -15.26
CA GLU A 260 1.38 14.66 -16.42
C GLU A 260 2.35 13.51 -16.21
N TRP A 261 2.92 13.38 -15.01
CA TRP A 261 3.63 12.15 -14.63
C TRP A 261 2.77 10.92 -14.91
N LEU A 262 1.52 10.93 -14.46
CA LEU A 262 0.69 9.74 -14.61
C LEU A 262 0.37 9.44 -16.06
N ARG A 263 0.34 10.47 -16.92
CA ARG A 263 -0.04 10.17 -18.31
C ARG A 263 1.07 9.46 -19.07
N MET A 264 2.21 9.20 -18.43
CA MET A 264 3.20 8.29 -18.98
C MET A 264 2.70 6.85 -19.10
N PHE A 265 1.60 6.52 -18.44
CA PHE A 265 1.27 5.13 -18.15
C PHE A 265 -0.08 4.71 -18.73
N ASP A 266 -0.14 3.43 -19.10
CA ASP A 266 -1.35 2.68 -19.39
C ASP A 266 -2.30 2.71 -18.18
N GLN A 267 -3.53 2.25 -18.40
CA GLN A 267 -4.40 1.99 -17.26
C GLN A 267 -3.89 0.78 -16.47
N GLN A 268 -3.57 -0.32 -17.16
CA GLN A 268 -3.00 -1.48 -16.49
C GLN A 268 -1.73 -1.12 -15.75
N GLU A 269 -0.86 -0.35 -16.41
CA GLU A 269 0.37 0.07 -15.77
C GLU A 269 0.09 0.88 -14.51
N ILE A 270 -0.94 1.71 -14.54
CA ILE A 270 -1.33 2.46 -13.34
C ILE A 270 -1.76 1.51 -12.23
N GLN A 271 -2.63 0.54 -12.55
CA GLN A 271 -3.02 -0.44 -11.55
C GLN A 271 -1.79 -1.06 -10.90
N VAL A 272 -0.79 -1.39 -11.71
CA VAL A 272 0.42 -1.99 -11.18
C VAL A 272 1.16 -1.00 -10.28
N LEU A 273 1.15 0.29 -10.64
CA LEU A 273 1.79 1.29 -9.76
C LEU A 273 1.13 1.34 -8.40
N ILE A 274 -0.13 0.91 -8.29
CA ILE A 274 -0.88 1.01 -7.04
C ILE A 274 -0.73 -0.27 -6.20
N SER A 275 -1.06 -1.42 -6.80
CA SER A 275 -1.10 -2.67 -6.06
C SER A 275 -0.08 -3.71 -6.52
N GLY A 276 0.94 -3.32 -7.29
CA GLY A 276 2.04 -4.21 -7.61
C GLY A 276 1.83 -5.03 -8.88
N ALA A 277 2.88 -5.76 -9.25
CA ALA A 277 2.93 -6.47 -10.53
C ALA A 277 2.36 -7.88 -10.39
N GLN A 278 1.55 -8.29 -11.37
CA GLN A 278 0.94 -9.62 -11.36
C GLN A 278 1.94 -10.64 -11.91
N VAL A 279 3.00 -10.85 -11.13
CA VAL A 279 4.06 -11.80 -11.49
C VAL A 279 4.28 -12.74 -10.32
N PRO A 280 4.88 -13.91 -10.56
CA PRO A 280 5.24 -14.79 -9.43
C PRO A 280 6.31 -14.14 -8.57
N ILE A 281 6.32 -14.53 -7.29
CA ILE A 281 7.31 -13.99 -6.37
C ILE A 281 8.65 -14.70 -6.56
N SER A 282 9.70 -13.90 -6.77
CA SER A 282 11.05 -14.41 -6.99
C SER A 282 11.81 -14.41 -5.66
N LEU A 283 12.13 -15.62 -5.17
CA LEU A 283 12.87 -15.73 -3.92
C LEU A 283 14.29 -15.23 -4.05
N GLU A 284 14.91 -15.39 -5.21
CA GLU A 284 16.23 -14.83 -5.43
C GLU A 284 16.20 -13.31 -5.28
N ASP A 285 15.23 -12.66 -5.92
CA ASP A 285 15.09 -11.22 -5.78
C ASP A 285 14.80 -10.84 -4.34
N LEU A 286 13.82 -11.50 -3.73
CA LEU A 286 13.49 -11.22 -2.33
C LEU A 286 14.70 -11.42 -1.42
N LYS A 287 15.39 -12.57 -1.55
CA LYS A 287 16.60 -12.82 -0.77
C LYS A 287 17.67 -11.77 -1.02
N SER A 288 17.82 -11.31 -2.27
CA SER A 288 18.86 -10.32 -2.57
C SER A 288 18.64 -9.01 -1.83
N PHE A 289 17.39 -8.61 -1.57
CA PHE A 289 17.12 -7.31 -0.97
C PHE A 289 16.39 -7.43 0.37
N THR A 290 16.57 -8.56 1.05
CA THR A 290 16.06 -8.75 2.40
C THR A 290 17.06 -8.20 3.40
N ASN A 291 16.53 -7.51 4.39
CA ASN A 291 17.27 -6.91 5.48
C ASN A 291 17.13 -7.80 6.71
N TYR A 292 18.19 -7.88 7.51
CA TYR A 292 18.16 -8.70 8.71
C TYR A 292 18.45 -7.82 9.92
N SER A 293 17.90 -8.22 11.06
CA SER A 293 17.87 -7.37 12.25
C SER A 293 17.78 -8.24 13.50
N GLY A 294 18.18 -7.65 14.62
CA GLY A 294 18.11 -8.36 15.89
C GLY A 294 19.10 -9.50 16.04
N GLY A 295 20.12 -9.56 15.21
CA GLY A 295 21.12 -10.59 15.25
C GLY A 295 21.09 -11.51 14.06
N TYR A 296 20.03 -11.48 13.27
CA TYR A 296 20.00 -12.33 12.09
C TYR A 296 20.91 -11.77 11.00
N SER A 297 21.18 -12.59 10.01
CA SER A 297 21.91 -12.20 8.81
C SER A 297 21.73 -13.33 7.81
N ALA A 298 22.19 -13.09 6.58
CA ALA A 298 21.94 -14.05 5.52
C ALA A 298 22.41 -15.46 5.88
N ASP A 299 23.41 -15.58 6.77
CA ASP A 299 23.99 -16.88 7.12
C ASP A 299 23.69 -17.35 8.53
N HIS A 300 22.84 -16.65 9.26
CA HIS A 300 22.38 -17.19 10.54
C HIS A 300 21.67 -18.52 10.29
N PRO A 301 21.83 -19.51 11.18
CA PRO A 301 21.15 -20.79 10.93
C PRO A 301 19.64 -20.68 10.82
N VAL A 302 19.00 -19.88 11.65
CA VAL A 302 17.55 -19.75 11.56
C VAL A 302 17.15 -19.21 10.20
N ILE A 303 17.89 -18.21 9.69
CA ILE A 303 17.63 -17.66 8.36
C ILE A 303 17.78 -18.74 7.31
N LYS A 304 18.83 -19.56 7.40
CA LYS A 304 19.02 -20.65 6.44
C LYS A 304 17.84 -21.61 6.47
N VAL A 305 17.31 -21.90 7.65
CA VAL A 305 16.11 -22.72 7.74
C VAL A 305 14.95 -22.02 7.06
N PHE A 306 14.79 -20.72 7.34
CA PHE A 306 13.70 -19.92 6.77
C PHE A 306 13.64 -20.04 5.26
N TRP A 307 14.76 -19.77 4.57
CA TRP A 307 14.76 -19.81 3.11
C TRP A 307 14.58 -21.22 2.57
N ARG A 308 15.01 -22.24 3.33
CA ARG A 308 14.69 -23.59 2.90
C ARG A 308 13.19 -23.86 3.03
N VAL A 309 12.56 -23.31 4.06
CA VAL A 309 11.13 -23.48 4.16
C VAL A 309 10.44 -22.73 3.01
N VAL A 310 10.72 -21.43 2.85
CA VAL A 310 9.88 -20.72 1.88
C VAL A 310 10.26 -21.09 0.43
N GLU A 311 11.45 -21.69 0.19
CA GLU A 311 11.77 -22.25 -1.13
C GLU A 311 10.85 -23.38 -1.53
N GLY A 312 10.26 -24.10 -0.56
CA GLY A 312 9.29 -25.13 -0.82
C GLY A 312 7.84 -24.69 -0.85
N PHE A 313 7.57 -23.39 -0.72
CA PHE A 313 6.22 -22.85 -0.75
C PHE A 313 5.68 -22.79 -2.18
N THR A 314 4.41 -23.14 -2.35
CA THR A 314 3.73 -22.88 -3.62
C THR A 314 3.68 -21.38 -3.90
N ASP A 315 3.39 -21.03 -5.16
CA ASP A 315 3.21 -19.63 -5.54
C ASP A 315 2.11 -18.97 -4.73
N GLU A 316 1.09 -19.73 -4.36
CA GLU A 316 0.03 -19.19 -3.52
C GLU A 316 0.54 -18.86 -2.13
N GLU A 317 1.39 -19.74 -1.56
CA GLU A 317 1.91 -19.51 -0.21
C GLU A 317 2.94 -18.39 -0.17
N LYS A 318 3.73 -18.22 -1.24
CA LYS A 318 4.61 -17.06 -1.31
C LYS A 318 3.80 -15.78 -1.35
N ARG A 319 2.67 -15.80 -2.07
CA ARG A 319 1.77 -14.66 -2.11
C ARG A 319 1.22 -14.36 -0.73
N LYS A 320 0.78 -15.40 -0.01
CA LYS A 320 0.25 -15.22 1.34
C LYS A 320 1.33 -14.72 2.30
N LEU A 321 2.55 -15.22 2.15
CA LEU A 321 3.60 -14.74 3.05
C LEU A 321 3.88 -13.27 2.82
N LEU A 322 3.93 -12.85 1.56
CA LEU A 322 4.19 -11.44 1.25
C LEU A 322 3.07 -10.55 1.77
N LYS A 323 1.82 -10.94 1.52
CA LYS A 323 0.70 -10.19 2.07
C LYS A 323 0.80 -10.12 3.59
N PHE A 324 1.19 -11.22 4.22
CA PHE A 324 1.27 -11.26 5.69
C PHE A 324 2.28 -10.26 6.24
N VAL A 325 3.38 -10.05 5.53
CA VAL A 325 4.46 -9.19 6.03
C VAL A 325 4.28 -7.73 5.63
N THR A 326 3.81 -7.47 4.41
CA THR A 326 3.77 -6.12 3.85
C THR A 326 2.38 -5.52 3.79
N SER A 327 1.34 -6.36 3.83
CA SER A 327 -0.09 -6.13 3.61
C SER A 327 -0.43 -6.09 2.13
N CYS A 328 0.55 -6.19 1.22
CA CYS A 328 0.27 -6.33 -0.20
C CYS A 328 0.77 -7.68 -0.70
N SER A 329 -0.03 -8.31 -1.55
CA SER A 329 0.25 -9.64 -2.03
C SER A 329 1.03 -9.66 -3.35
N ARG A 330 1.57 -8.52 -3.78
CA ARG A 330 2.29 -8.44 -5.04
C ARG A 330 3.55 -7.59 -4.85
N PRO A 331 4.58 -7.84 -5.64
CA PRO A 331 5.84 -7.10 -5.48
C PRO A 331 5.85 -5.81 -6.26
N PRO A 332 6.72 -4.86 -5.90
CA PRO A 332 6.89 -3.67 -6.73
C PRO A 332 7.45 -4.03 -8.10
N LEU A 333 6.94 -3.36 -9.13
CA LEU A 333 7.37 -3.56 -10.51
C LEU A 333 8.89 -3.66 -10.63
N LEU A 334 9.63 -2.79 -9.95
CA LEU A 334 11.08 -2.77 -10.03
C LEU A 334 11.74 -3.74 -9.05
N GLY A 335 10.97 -4.64 -8.44
CA GLY A 335 11.55 -5.64 -7.56
C GLY A 335 11.69 -5.14 -6.14
N PHE A 336 12.17 -6.04 -5.28
CA PHE A 336 12.21 -5.73 -3.84
C PHE A 336 13.31 -4.75 -3.48
N LYS A 337 14.23 -4.45 -4.40
CA LYS A 337 15.15 -3.33 -4.20
C LYS A 337 14.38 -2.03 -4.02
N GLU A 338 13.20 -1.94 -4.62
CA GLU A 338 12.37 -0.76 -4.54
C GLU A 338 11.13 -0.95 -3.65
N LEU A 339 11.24 -1.82 -2.63
CA LEU A 339 10.26 -1.88 -1.57
C LEU A 339 10.71 -1.00 -0.41
N TYR A 340 9.83 -0.12 0.05
CA TYR A 340 10.18 0.84 1.10
C TYR A 340 9.18 0.67 2.23
N PRO A 341 9.60 0.30 3.45
CA PRO A 341 10.96 -0.15 3.81
C PRO A 341 11.31 -1.52 3.21
N ALA A 342 12.61 -1.82 3.12
CA ALA A 342 13.02 -3.15 2.68
C ALA A 342 12.35 -4.22 3.53
N PHE A 343 11.92 -5.28 2.86
CA PHE A 343 11.50 -6.50 3.54
C PHE A 343 12.54 -6.86 4.59
N CYS A 344 12.10 -7.13 5.81
CA CYS A 344 13.02 -7.27 6.92
C CYS A 344 12.63 -8.45 7.78
N ILE A 345 13.62 -9.26 8.17
CA ILE A 345 13.42 -10.40 9.06
C ILE A 345 14.13 -10.10 10.38
N HIS A 346 13.37 -10.02 11.45
CA HIS A 346 13.89 -9.58 12.75
C HIS A 346 13.78 -10.72 13.76
N ASN A 347 14.77 -10.79 14.65
CA ASN A 347 14.93 -11.93 15.57
C ASN A 347 13.97 -11.77 16.75
N GLY A 348 12.96 -12.64 16.81
CA GLY A 348 12.11 -12.71 17.99
C GLY A 348 12.83 -13.38 19.14
N GLY A 349 12.07 -13.77 20.15
CA GLY A 349 12.73 -14.40 21.29
C GLY A 349 13.48 -15.70 21.00
N SER A 350 13.92 -16.36 22.07
CA SER A 350 14.10 -17.80 22.06
C SER A 350 12.88 -18.51 22.62
N ASP A 351 11.81 -17.77 22.89
CA ASP A 351 10.53 -18.33 23.31
C ASP A 351 9.87 -19.01 22.11
N LEU A 352 9.94 -20.33 22.07
CA LEU A 352 9.39 -21.09 20.95
C LEU A 352 7.88 -21.28 21.05
N GLU A 353 7.21 -20.65 22.01
CA GLU A 353 5.75 -20.65 22.03
C GLU A 353 5.13 -19.47 21.29
N ARG A 354 5.83 -18.34 21.20
CA ARG A 354 5.41 -17.28 20.32
C ARG A 354 5.35 -17.76 18.87
N LEU A 355 4.49 -17.18 18.12
CA LEU A 355 4.30 -17.30 16.69
C LEU A 355 5.07 -16.21 15.97
N PRO A 356 5.53 -16.45 14.74
CA PRO A 356 5.96 -15.32 13.90
C PRO A 356 4.85 -14.27 13.85
N THR A 357 5.22 -13.01 14.12
CA THR A 357 4.28 -11.90 13.93
C THR A 357 4.85 -10.92 12.91
N ALA A 358 3.95 -10.13 12.35
CA ALA A 358 4.31 -9.18 11.31
C ALA A 358 3.93 -7.77 11.74
N SER A 359 4.69 -6.80 11.26
CA SER A 359 4.33 -5.38 11.28
C SER A 359 4.32 -4.92 9.83
N THR A 360 3.14 -4.95 9.21
CA THR A 360 3.04 -4.63 7.79
C THR A 360 3.41 -3.18 7.49
N CYS A 361 3.24 -2.27 8.45
CA CYS A 361 3.61 -0.91 8.14
C CYS A 361 5.11 -0.73 8.02
N MET A 362 5.90 -1.75 8.40
CA MET A 362 7.33 -1.74 8.22
C MET A 362 7.83 -2.83 7.29
N ASN A 363 6.94 -3.66 6.75
CA ASN A 363 7.36 -4.81 5.96
C ASN A 363 8.32 -5.67 6.77
N LEU A 364 7.89 -5.97 8.01
CA LEU A 364 8.73 -6.55 9.05
C LEU A 364 8.14 -7.90 9.47
N LEU A 365 8.99 -8.93 9.47
CA LEU A 365 8.63 -10.24 10.02
C LEU A 365 9.42 -10.46 11.31
N LYS A 366 8.71 -10.60 12.43
CA LYS A 366 9.33 -10.97 13.70
C LYS A 366 9.28 -12.50 13.82
N LEU A 367 10.45 -13.12 13.73
CA LEU A 367 10.59 -14.56 13.63
C LEU A 367 11.39 -15.08 14.82
N PRO A 368 10.78 -15.88 15.69
CA PRO A 368 11.54 -16.53 16.76
C PRO A 368 12.69 -17.39 16.22
N GLU A 369 13.60 -17.75 17.12
CA GLU A 369 14.82 -18.47 16.74
C GLU A 369 14.51 -19.95 16.57
N PHE A 370 13.88 -20.28 15.47
CA PHE A 370 13.51 -21.66 15.15
C PHE A 370 14.68 -22.31 14.43
N TYR A 371 15.26 -23.34 15.05
CA TYR A 371 16.36 -24.07 14.43
C TYR A 371 15.93 -25.33 13.70
N ASP A 372 14.63 -25.63 13.69
CA ASP A 372 14.12 -26.84 13.07
C ASP A 372 13.12 -26.45 11.99
N GLU A 373 13.18 -27.13 10.84
CA GLU A 373 12.37 -26.76 9.68
C GLU A 373 10.88 -26.98 9.94
N THR A 374 10.53 -28.16 10.45
CA THR A 374 9.12 -28.46 10.71
C THR A 374 8.54 -27.48 11.70
N LEU A 375 9.32 -27.10 12.71
CA LEU A 375 8.88 -26.10 13.66
C LEU A 375 8.60 -24.78 12.95
N LEU A 376 9.59 -24.27 12.21
CA LEU A 376 9.42 -23.01 11.50
C LEU A 376 8.26 -23.09 10.51
N ARG A 377 8.21 -24.16 9.72
CA ARG A 377 7.23 -24.24 8.64
C ARG A 377 5.81 -24.21 9.20
N SER A 378 5.53 -25.01 10.23
CA SER A 378 4.20 -25.09 10.79
C SER A 378 3.80 -23.78 11.47
N LYS A 379 4.70 -23.21 12.27
CA LYS A 379 4.40 -21.95 12.94
C LYS A 379 4.18 -20.84 11.94
N LEU A 380 5.01 -20.77 10.89
CA LEU A 380 4.92 -19.66 9.95
C LEU A 380 3.64 -19.73 9.13
N LEU A 381 3.31 -20.91 8.60
CA LEU A 381 2.05 -21.06 7.88
C LEU A 381 0.86 -20.85 8.81
N TYR A 382 0.97 -21.31 10.05
CA TYR A 382 -0.12 -21.10 10.99
C TYR A 382 -0.31 -19.61 11.27
N ALA A 383 0.79 -18.88 11.45
CA ALA A 383 0.68 -17.44 11.61
C ALA A 383 0.05 -16.80 10.37
N ILE A 384 0.36 -17.31 9.18
CA ILE A 384 -0.22 -16.73 7.97
C ILE A 384 -1.72 -17.03 7.91
N GLU A 385 -2.13 -18.26 8.21
CA GLU A 385 -3.54 -18.65 8.12
C GLU A 385 -4.39 -17.89 9.14
N CYS A 386 -3.89 -17.72 10.37
CA CYS A 386 -4.64 -16.97 11.37
C CYS A 386 -4.84 -15.52 10.98
N ALA A 387 -4.00 -15.00 10.09
CA ALA A 387 -4.11 -13.62 9.63
C ALA A 387 -5.26 -13.44 8.64
N ALA A 388 -5.67 -14.50 7.95
CA ALA A 388 -6.79 -14.43 7.00
C ALA A 388 -8.08 -13.88 7.62
#